data_8VPM
#
_entry.id   8VPM
#
_cell.length_a   123.947
_cell.length_b   123.947
_cell.length_c   46.076
_cell.angle_alpha   90.00
_cell.angle_beta   90.00
_cell.angle_gamma   120.00
#
_symmetry.space_group_name_H-M   'P 64'
#
loop_
_entity.id
_entity.type
_entity.pdbx_description
1 polymer 'Peptide hydrolase'
2 non-polymer 'ZINC ION'
3 water water
#
_entity_poly.entity_id   1
_entity_poly.type   'polypeptide(L)'
_entity_poly.pdbx_seq_one_letter_code
;MDAHGNLSNADLEALLHPDGDTNIQTILAPLLRPRVPGTPGSELVRNYIIQFFNSALPLWTTELQVSSSKTPVSGSQRIP
FVNIIAYRSPPGLNETDVGWLTLVAHYDSLKDPEGFIGAIDSAAPCSIIMSAVRSIDAALTRKWDNMSSIPGDTHEQYGI
QVIFTDGEESFGNTLTANDGLYGSRSLAAHWAVDKYPSTAKYETRLSSISLLVLLDLLGAKNPQIASYYPVTHFDYQRLA
ALESRLRELGQLKSSGIHGKSWFVDRTTDVRSLKRQPVEDDQVPFSGLGVKVLHVIDADPTTGEFPSVWHTPDDDENHLD
FDTIRDWSLLITAFAAEWLGLQGFMDNHHHHHH
;
_entity_poly.pdbx_strand_id   A
#
loop_
_chem_comp.id
_chem_comp.type
_chem_comp.name
_chem_comp.formula
ZN non-polymer 'ZINC ION' 'Zn 2'
#
# COMPACT_ATOMS: atom_id res chain seq x y z
N ASN A 6 -6.22 4.79 -19.28
CA ASN A 6 -7.64 5.23 -19.11
C ASN A 6 -8.56 4.01 -19.17
N LEU A 7 -9.27 3.69 -18.09
CA LEU A 7 -10.08 2.45 -18.03
C LEU A 7 -11.51 2.65 -18.50
N SER A 8 -12.05 1.63 -19.19
CA SER A 8 -13.44 1.64 -19.65
C SER A 8 -14.35 0.97 -18.62
N ASN A 9 -15.66 1.13 -18.77
CA ASN A 9 -16.63 0.49 -17.84
C ASN A 9 -16.55 -1.02 -18.00
N ALA A 10 -16.17 -1.50 -19.18
CA ALA A 10 -15.96 -2.94 -19.40
C ALA A 10 -14.77 -3.37 -18.57
N ASP A 11 -13.69 -2.59 -18.63
CA ASP A 11 -12.48 -2.87 -17.82
C ASP A 11 -12.88 -2.97 -16.35
N LEU A 12 -13.72 -2.05 -15.88
CA LEU A 12 -14.07 -2.02 -14.45
C LEU A 12 -14.96 -3.23 -14.13
N GLU A 13 -15.87 -3.56 -15.02
CA GLU A 13 -16.80 -4.70 -14.81
C GLU A 13 -15.99 -6.00 -14.80
N ALA A 14 -14.84 -5.98 -15.46
CA ALA A 14 -13.97 -7.17 -15.53
C ALA A 14 -13.31 -7.43 -14.17
N LEU A 15 -13.09 -6.38 -13.39
CA LEU A 15 -12.44 -6.53 -12.06
C LEU A 15 -13.32 -7.41 -11.17
N THR A 22 -8.65 -17.50 -2.34
CA THR A 22 -7.86 -16.30 -1.96
C THR A 22 -8.79 -15.11 -1.79
N ASN A 23 -9.97 -15.32 -1.20
CA ASN A 23 -10.85 -14.17 -0.90
C ASN A 23 -10.08 -13.25 0.05
N ILE A 24 -10.51 -12.00 0.20
CA ILE A 24 -9.78 -11.03 1.07
C ILE A 24 -9.66 -11.63 2.46
N GLN A 25 -10.70 -12.30 2.93
CA GLN A 25 -10.69 -12.85 4.31
C GLN A 25 -9.62 -13.93 4.41
N THR A 26 -9.39 -14.67 3.33
CA THR A 26 -8.41 -15.78 3.35
C THR A 26 -7.00 -15.18 3.42
N ILE A 27 -6.77 -14.14 2.63
CA ILE A 27 -5.43 -13.49 2.60
C ILE A 27 -5.19 -12.80 3.94
N LEU A 28 -6.21 -12.24 4.56
CA LEU A 28 -6.03 -11.43 5.80
C LEU A 28 -5.87 -12.29 7.05
N ALA A 29 -6.65 -13.35 7.17
CA ALA A 29 -6.66 -14.18 8.40
C ALA A 29 -5.26 -14.41 8.95
N PRO A 30 -4.28 -14.89 8.16
CA PRO A 30 -2.97 -15.20 8.72
C PRO A 30 -2.21 -13.93 9.18
N LEU A 31 -2.67 -12.74 8.82
CA LEU A 31 -1.96 -11.53 9.23
C LEU A 31 -2.39 -11.02 10.59
N LEU A 32 -3.54 -11.49 11.10
CA LEU A 32 -4.23 -10.87 12.22
C LEU A 32 -3.77 -11.50 13.55
N ARG A 33 -2.47 -11.48 13.78
CA ARG A 33 -1.86 -11.96 15.00
C ARG A 33 -0.84 -10.92 15.44
N PRO A 34 -0.40 -10.96 16.69
CA PRO A 34 0.70 -10.08 17.10
C PRO A 34 1.93 -10.30 16.22
N ARG A 35 2.55 -9.19 15.80
CA ARG A 35 3.69 -9.22 14.87
C ARG A 35 4.62 -8.06 15.24
N VAL A 36 4.94 -7.92 16.53
CA VAL A 36 5.87 -6.90 17.02
C VAL A 36 7.26 -7.21 16.48
N PRO A 37 8.03 -6.23 16.01
CA PRO A 37 9.30 -6.55 15.34
C PRO A 37 10.25 -7.33 16.24
N GLY A 38 11.00 -8.25 15.64
CA GLY A 38 11.94 -9.07 16.37
C GLY A 38 11.34 -10.29 17.04
N THR A 39 10.02 -10.38 17.14
CA THR A 39 9.37 -11.49 17.84
C THR A 39 9.06 -12.60 16.87
N PRO A 40 8.68 -13.78 17.37
CA PRO A 40 8.28 -14.85 16.45
C PRO A 40 6.99 -14.55 15.68
N GLY A 41 6.06 -13.76 16.23
CA GLY A 41 4.90 -13.34 15.43
C GLY A 41 5.30 -12.64 14.15
N SER A 42 6.32 -11.78 14.23
CA SER A 42 6.80 -11.06 13.04
C SER A 42 7.33 -12.04 12.00
N GLU A 43 8.19 -12.97 12.42
CA GLU A 43 8.72 -13.96 11.50
C GLU A 43 7.59 -14.77 10.84
N LEU A 44 6.56 -15.15 11.62
CA LEU A 44 5.47 -15.92 11.04
C LEU A 44 4.72 -15.11 9.99
N VAL A 45 4.32 -13.87 10.33
CA VAL A 45 3.58 -13.05 9.38
C VAL A 45 4.42 -12.78 8.13
N ARG A 46 5.72 -12.56 8.32
CA ARG A 46 6.63 -12.24 7.22
C ARG A 46 6.77 -13.42 6.26
N ASN A 47 6.97 -14.61 6.81
CA ASN A 47 7.11 -15.77 5.93
C ASN A 47 5.77 -16.10 5.26
N TYR A 48 4.65 -15.83 5.92
CA TYR A 48 3.36 -15.97 5.27
C TYR A 48 3.27 -15.07 4.03
N ILE A 49 3.55 -13.78 4.20
CA ILE A 49 3.47 -12.83 3.10
C ILE A 49 4.38 -13.27 1.96
N ILE A 50 5.63 -13.63 2.28
CA ILE A 50 6.59 -14.05 1.23
C ILE A 50 6.04 -15.30 0.53
N GLN A 51 5.45 -16.23 1.28
CA GLN A 51 4.98 -17.46 0.65
C GLN A 51 3.75 -17.20 -0.21
N PHE A 52 2.93 -16.23 0.19
CA PHE A 52 1.82 -15.81 -0.65
C PHE A 52 2.34 -15.34 -2.00
N PHE A 53 3.37 -14.50 -2.00
CA PHE A 53 3.88 -14.05 -3.29
C PHE A 53 4.55 -15.19 -4.06
N ASN A 54 5.26 -16.07 -3.34
CA ASN A 54 6.00 -17.14 -4.02
C ASN A 54 5.07 -18.13 -4.69
N SER A 55 3.91 -18.42 -4.08
CA SER A 55 2.96 -19.38 -4.64
C SER A 55 1.97 -18.72 -5.60
N ALA A 56 1.32 -17.64 -5.17
CA ALA A 56 0.29 -17.05 -6.02
C ALA A 56 0.85 -16.15 -7.11
N LEU A 57 1.99 -15.50 -6.87
CA LEU A 57 2.58 -14.58 -7.83
C LEU A 57 4.01 -15.00 -8.16
N PRO A 58 4.19 -16.18 -8.76
CA PRO A 58 5.55 -16.69 -8.98
C PRO A 58 6.35 -15.83 -9.91
N LEU A 59 5.69 -15.06 -10.79
CA LEU A 59 6.42 -14.19 -11.69
C LEU A 59 7.10 -13.04 -10.93
N TRP A 60 6.82 -12.87 -9.64
CA TRP A 60 7.39 -11.76 -8.89
C TRP A 60 8.65 -12.21 -8.19
N THR A 61 9.65 -11.31 -8.16
CA THR A 61 10.83 -11.46 -7.32
C THR A 61 10.52 -10.92 -5.93
N THR A 62 10.92 -11.66 -4.90
CA THR A 62 10.77 -11.20 -3.51
C THR A 62 12.15 -10.96 -2.89
N GLU A 63 12.20 -10.04 -1.93
CA GLU A 63 13.48 -9.63 -1.35
C GLU A 63 13.22 -9.04 0.03
N LEU A 64 14.20 -9.21 0.92
CA LEU A 64 14.14 -8.57 2.24
C LEU A 64 15.17 -7.46 2.31
N GLN A 65 14.86 -6.40 3.06
CA GLN A 65 15.86 -5.39 3.45
C GLN A 65 15.92 -5.34 4.95
N VAL A 66 17.13 -5.51 5.50
CA VAL A 66 17.32 -5.79 6.93
C VAL A 66 18.16 -4.70 7.57
N SER A 67 17.71 -4.21 8.71
CA SER A 67 18.51 -3.30 9.53
C SER A 67 18.23 -3.64 10.98
N SER A 68 18.97 -3.04 11.88
CA SER A 68 18.68 -3.17 13.30
C SER A 68 18.95 -1.84 13.94
N SER A 69 18.19 -1.56 14.98
CA SER A 69 18.40 -0.31 15.69
C SER A 69 17.86 -0.45 17.09
N LYS A 70 18.44 0.32 18.01
CA LYS A 70 17.87 0.42 19.35
C LYS A 70 16.57 1.22 19.32
N THR A 71 15.72 0.99 20.31
CA THR A 71 14.45 1.69 20.44
C THR A 71 14.35 2.21 21.86
N PRO A 72 13.39 3.10 22.14
CA PRO A 72 13.22 3.57 23.52
C PRO A 72 12.96 2.47 24.58
N VAL A 73 12.63 1.24 24.19
CA VAL A 73 12.25 0.22 25.17
C VAL A 73 13.16 -1.00 25.12
N SER A 74 14.21 -1.00 24.31
CA SER A 74 15.07 -2.17 24.14
C SER A 74 16.41 -2.00 24.82
N GLY A 75 16.56 -0.96 25.64
CA GLY A 75 17.82 -0.67 26.30
C GLY A 75 18.95 -0.56 25.30
N SER A 76 19.91 -1.46 25.40
CA SER A 76 21.04 -1.47 24.49
C SER A 76 20.92 -2.57 23.45
N GLN A 77 19.82 -3.31 23.45
CA GLN A 77 19.63 -4.36 22.45
C GLN A 77 19.18 -3.74 21.13
N ARG A 78 19.69 -4.26 20.03
CA ARG A 78 19.33 -3.82 18.69
C ARG A 78 18.21 -4.68 18.14
N ILE A 79 17.06 -4.07 17.87
CA ILE A 79 15.89 -4.77 17.34
C ILE A 79 16.05 -4.90 15.83
N PRO A 80 15.75 -6.06 15.23
CA PRO A 80 15.79 -6.16 13.78
C PRO A 80 14.51 -5.64 13.14
N PHE A 81 14.68 -5.08 11.96
CA PHE A 81 13.57 -4.55 11.17
C PHE A 81 13.77 -5.05 9.74
N VAL A 82 12.76 -5.74 9.25
CA VAL A 82 12.84 -6.51 8.03
C VAL A 82 11.69 -6.04 7.14
N ASN A 83 12.02 -5.23 6.14
CA ASN A 83 11.08 -4.85 5.11
C ASN A 83 10.96 -5.98 4.10
N ILE A 84 9.74 -6.17 3.59
CA ILE A 84 9.44 -7.15 2.55
C ILE A 84 9.19 -6.39 1.27
N ILE A 85 9.88 -6.76 0.20
CA ILE A 85 9.73 -6.08 -1.07
C ILE A 85 9.41 -7.15 -2.11
N ALA A 86 8.45 -6.87 -2.97
CA ALA A 86 8.16 -7.80 -4.06
C ALA A 86 7.86 -6.99 -5.31
N TYR A 87 8.36 -7.44 -6.45
CA TYR A 87 8.19 -6.64 -7.66
C TYR A 87 8.13 -7.51 -8.92
N ARG A 88 7.49 -6.94 -9.95
CA ARG A 88 7.43 -7.51 -11.28
C ARG A 88 7.66 -6.41 -12.31
N SER A 89 8.60 -6.67 -13.22
CA SER A 89 9.08 -5.76 -14.25
C SER A 89 8.69 -6.29 -15.63
N PRO A 90 8.48 -5.42 -16.60
CA PRO A 90 8.24 -5.89 -17.98
C PRO A 90 9.44 -6.68 -18.46
N PRO A 91 9.21 -7.80 -19.16
CA PRO A 91 10.34 -8.65 -19.55
C PRO A 91 11.16 -7.98 -20.65
N GLY A 92 12.42 -8.40 -20.75
CA GLY A 92 13.30 -7.86 -21.77
C GLY A 92 13.70 -6.42 -21.56
N LEU A 93 13.47 -5.88 -20.37
CA LEU A 93 13.84 -4.52 -20.02
C LEU A 93 14.94 -4.59 -18.96
N ASN A 94 15.98 -3.78 -19.11
CA ASN A 94 16.92 -3.61 -18.01
C ASN A 94 16.18 -3.10 -16.79
N GLU A 95 16.24 -3.86 -15.68
CA GLU A 95 15.48 -3.45 -14.49
C GLU A 95 15.86 -2.05 -14.06
N THR A 96 17.07 -1.59 -14.41
CA THR A 96 17.45 -0.25 -13.99
C THR A 96 16.88 0.84 -14.89
N ASP A 97 16.12 0.48 -15.92
CA ASP A 97 15.38 1.42 -16.74
C ASP A 97 13.89 1.45 -16.40
N VAL A 98 13.47 0.76 -15.35
CA VAL A 98 12.05 0.60 -15.04
C VAL A 98 11.64 1.63 -14.00
N GLY A 99 10.52 2.31 -14.25
CA GLY A 99 9.87 3.11 -13.23
C GLY A 99 8.85 2.26 -12.50
N TRP A 100 8.80 2.39 -11.18
CA TRP A 100 8.00 1.50 -10.34
C TRP A 100 6.80 2.24 -9.75
N LEU A 101 5.59 1.76 -10.05
CA LEU A 101 4.46 2.06 -9.19
C LEU A 101 4.60 1.21 -7.93
N THR A 102 4.59 1.87 -6.76
CA THR A 102 4.97 1.23 -5.50
C THR A 102 3.86 1.36 -4.46
N LEU A 103 3.32 0.22 -4.02
CA LEU A 103 2.21 0.20 -3.05
C LEU A 103 2.73 -0.28 -1.70
N VAL A 104 2.41 0.45 -0.62
CA VAL A 104 3.08 0.26 0.67
C VAL A 104 2.07 0.22 1.80
N ALA A 105 2.34 -0.63 2.79
CA ALA A 105 1.66 -0.64 4.08
C ALA A 105 2.63 -1.27 5.07
N HIS A 106 2.37 -1.07 6.36
CA HIS A 106 3.27 -1.60 7.36
C HIS A 106 2.69 -2.89 7.95
N TYR A 107 3.54 -3.91 8.09
CA TYR A 107 3.07 -5.20 8.56
C TYR A 107 3.41 -5.47 10.02
N ASP A 108 4.19 -4.61 10.69
CA ASP A 108 4.46 -4.73 12.14
C ASP A 108 3.23 -4.30 12.92
N SER A 109 3.20 -4.66 14.21
CA SER A 109 2.13 -4.21 15.10
C SER A 109 2.69 -3.54 16.36
N LEU A 110 1.95 -2.53 16.82
CA LEU A 110 2.18 -1.91 18.13
C LEU A 110 2.47 -2.94 19.21
N LYS A 111 3.50 -2.66 20.01
CA LYS A 111 3.91 -3.54 21.11
C LYS A 111 2.99 -3.39 22.32
N ASP A 112 2.66 -2.17 22.71
CA ASP A 112 1.86 -1.87 23.87
C ASP A 112 0.49 -1.39 23.42
N PRO A 113 -0.64 -2.01 23.85
CA PRO A 113 -0.80 -3.14 24.80
C PRO A 113 -0.42 -4.52 24.26
N GLU A 114 -0.10 -5.41 25.19
CA GLU A 114 0.31 -6.77 24.86
C GLU A 114 -0.78 -7.48 24.05
N GLY A 115 -0.39 -8.08 22.93
CA GLY A 115 -1.34 -8.77 22.06
C GLY A 115 -2.16 -7.89 21.15
N PHE A 116 -1.86 -6.60 21.04
CA PHE A 116 -2.55 -5.72 20.04
C PHE A 116 -2.46 -6.37 18.65
N ILE A 117 -3.54 -6.29 17.87
CA ILE A 117 -3.60 -6.98 16.55
C ILE A 117 -3.42 -5.99 15.38
N GLY A 118 -3.94 -4.77 15.51
CA GLY A 118 -3.87 -3.80 14.41
C GLY A 118 -4.60 -4.24 13.15
N ALA A 119 -5.91 -4.48 13.25
CA ALA A 119 -6.71 -4.96 12.10
C ALA A 119 -6.68 -3.93 10.97
N ILE A 120 -7.04 -2.68 11.26
CA ILE A 120 -6.94 -1.60 10.25
C ILE A 120 -5.51 -1.07 10.29
N ASP A 121 -4.75 -1.44 11.32
CA ASP A 121 -3.42 -0.84 11.52
C ASP A 121 -2.31 -1.87 11.64
N SER A 122 -1.84 -2.41 10.53
CA SER A 122 -2.38 -2.15 9.17
C SER A 122 -2.51 -3.48 8.40
N ALA A 123 -3.15 -4.48 9.02
CA ALA A 123 -3.31 -5.81 8.40
C ALA A 123 -4.22 -5.75 7.18
N ALA A 124 -5.38 -5.13 7.32
CA ALA A 124 -6.30 -4.97 6.17
C ALA A 124 -5.58 -4.25 5.02
N PRO A 125 -4.96 -3.05 5.22
CA PRO A 125 -4.18 -2.44 4.15
C PRO A 125 -3.22 -3.42 3.44
N CYS A 126 -2.50 -4.24 4.20
CA CYS A 126 -1.58 -5.24 3.61
C CYS A 126 -2.39 -6.23 2.76
N SER A 127 -3.45 -6.80 3.31
CA SER A 127 -4.35 -7.71 2.55
C SER A 127 -4.87 -7.00 1.31
N ILE A 128 -5.17 -5.71 1.45
CA ILE A 128 -5.74 -4.97 0.32
C ILE A 128 -4.73 -4.93 -0.82
N ILE A 129 -3.46 -4.69 -0.48
CA ILE A 129 -2.41 -4.64 -1.50
C ILE A 129 -2.21 -6.03 -2.11
N MET A 130 -2.11 -7.06 -1.26
CA MET A 130 -1.90 -8.42 -1.78
C MET A 130 -3.04 -8.83 -2.71
N SER A 131 -4.28 -8.53 -2.31
CA SER A 131 -5.44 -8.85 -3.14
C SER A 131 -5.39 -8.11 -4.48
N ALA A 132 -5.03 -6.82 -4.46
CA ALA A 132 -5.10 -6.04 -5.69
C ALA A 132 -4.04 -6.47 -6.68
N VAL A 133 -2.81 -6.69 -6.21
CA VAL A 133 -1.77 -7.08 -7.14
C VAL A 133 -2.03 -8.49 -7.65
N ARG A 134 -2.55 -9.38 -6.80
CA ARG A 134 -2.98 -10.68 -7.29
C ARG A 134 -3.95 -10.51 -8.45
N SER A 135 -4.93 -9.60 -8.29
CA SER A 135 -5.98 -9.47 -9.30
C SER A 135 -5.49 -8.88 -10.59
N ILE A 136 -4.42 -8.08 -10.57
CA ILE A 136 -3.95 -7.57 -11.87
C ILE A 136 -2.88 -8.43 -12.52
N ASP A 137 -2.31 -9.42 -11.82
CA ASP A 137 -1.14 -10.09 -12.39
C ASP A 137 -1.43 -10.68 -13.78
N ALA A 138 -2.61 -11.27 -13.96
CA ALA A 138 -2.91 -11.93 -15.22
C ALA A 138 -3.05 -10.93 -16.36
N ALA A 139 -3.75 -9.82 -16.12
CA ALA A 139 -3.80 -8.75 -17.10
C ALA A 139 -2.41 -8.17 -17.38
N LEU A 140 -1.52 -8.15 -16.36
CA LEU A 140 -0.18 -7.65 -16.61
C LEU A 140 0.53 -8.52 -17.63
N THR A 141 0.53 -9.83 -17.38
CA THR A 141 1.05 -10.78 -18.35
C THR A 141 0.41 -10.55 -19.72
N ARG A 142 -0.90 -10.39 -19.79
CA ARG A 142 -1.59 -10.21 -21.06
C ARG A 142 -1.08 -8.98 -21.80
N LYS A 143 -0.93 -7.85 -21.09
CA LYS A 143 -0.52 -6.62 -21.77
C LYS A 143 0.94 -6.64 -22.17
N TRP A 144 1.79 -7.29 -21.38
CA TRP A 144 3.20 -7.38 -21.76
C TRP A 144 3.46 -8.41 -22.85
N ASP A 145 2.71 -9.53 -22.86
CA ASP A 145 2.81 -10.51 -23.95
C ASP A 145 2.55 -9.86 -25.29
N ASN A 146 1.74 -8.80 -25.32
CA ASN A 146 1.35 -8.17 -26.57
C ASN A 146 2.44 -7.25 -27.11
N MET A 147 3.13 -6.52 -26.22
CA MET A 147 4.16 -5.55 -26.59
C MET A 147 5.12 -6.01 -27.69
N GLU A 156 5.92 2.25 -21.59
CA GLU A 156 6.07 0.79 -21.50
C GLU A 156 7.13 0.42 -20.46
N GLN A 157 7.86 1.41 -19.98
CA GLN A 157 9.01 1.17 -19.10
C GLN A 157 8.63 1.28 -17.61
N TYR A 158 7.50 0.67 -17.22
CA TYR A 158 6.95 0.82 -15.87
C TYR A 158 6.57 -0.53 -15.27
N GLY A 159 6.95 -0.74 -14.00
CA GLY A 159 6.68 -1.97 -13.29
C GLY A 159 5.80 -1.74 -12.07
N ILE A 160 5.51 -2.86 -11.37
CA ILE A 160 4.72 -2.83 -10.15
C ILE A 160 5.56 -3.42 -9.02
N GLN A 161 5.44 -2.82 -7.84
CA GLN A 161 6.24 -3.08 -6.65
C GLN A 161 5.36 -2.91 -5.42
N VAL A 162 5.54 -3.78 -4.43
CA VAL A 162 4.93 -3.62 -3.11
C VAL A 162 6.03 -3.65 -2.07
N ILE A 163 5.86 -2.81 -1.05
CA ILE A 163 6.74 -2.81 0.11
C ILE A 163 5.84 -2.99 1.31
N PHE A 164 6.11 -4.01 2.13
CA PHE A 164 5.51 -4.13 3.44
C PHE A 164 6.59 -3.73 4.45
N THR A 165 6.43 -2.57 5.08
CA THR A 165 7.46 -2.01 5.93
C THR A 165 7.33 -2.59 7.33
N ASP A 166 8.46 -2.71 8.03
CA ASP A 166 8.47 -3.13 9.45
C ASP A 166 8.80 -1.91 10.30
N GLY A 167 8.51 -1.96 11.60
CA GLY A 167 8.89 -0.88 12.54
C GLY A 167 8.30 0.49 12.26
N GLU A 168 7.13 0.57 11.64
CA GLU A 168 6.49 1.89 11.47
C GLU A 168 6.09 2.40 12.85
N GLU A 169 5.58 1.49 13.66
CA GLU A 169 5.05 1.92 14.98
C GLU A 169 6.17 2.40 15.90
N SER A 170 5.89 3.45 16.65
CA SER A 170 6.84 3.96 17.66
C SER A 170 6.72 3.07 18.91
N PHE A 171 7.77 3.01 19.73
CA PHE A 171 7.77 2.14 20.93
C PHE A 171 7.77 2.98 22.20
N GLY A 172 8.24 4.22 22.12
CA GLY A 172 8.42 5.02 23.33
C GLY A 172 7.20 5.76 23.78
N ASN A 173 7.19 6.11 25.06
CA ASN A 173 6.10 6.96 25.55
C ASN A 173 6.37 8.35 25.01
N THR A 174 7.51 8.95 25.27
CA THR A 174 7.64 10.34 24.80
C THR A 174 7.59 10.47 23.28
N LEU A 175 7.41 11.72 22.83
CA LEU A 175 7.52 12.00 21.37
C LEU A 175 9.02 12.15 21.14
N THR A 176 9.57 11.46 20.15
CA THR A 176 11.00 11.39 19.95
C THR A 176 11.26 11.29 18.45
N ALA A 177 12.04 12.25 17.92
CA ALA A 177 12.18 12.39 16.47
C ALA A 177 12.65 11.11 15.79
N ASN A 178 13.50 10.32 16.46
CA ASN A 178 14.07 9.13 15.83
C ASN A 178 13.38 7.83 16.25
N ASP A 179 12.19 7.91 16.85
CA ASP A 179 11.41 6.74 17.26
C ASP A 179 10.30 6.52 16.25
N GLY A 180 10.16 5.28 15.78
CA GLY A 180 9.17 4.95 14.76
C GLY A 180 9.74 5.02 13.36
N LEU A 181 8.97 4.48 12.40
CA LEU A 181 9.37 4.47 10.98
C LEU A 181 10.73 3.83 10.77
N TYR A 182 11.06 2.79 11.54
CA TYR A 182 12.41 2.23 11.45
C TYR A 182 12.63 1.60 10.08
N GLY A 183 11.65 0.79 9.64
CA GLY A 183 11.78 0.15 8.35
C GLY A 183 11.84 1.13 7.20
N SER A 184 10.93 2.12 7.18
CA SER A 184 10.92 3.00 6.00
C SER A 184 12.14 3.91 5.98
N ARG A 185 12.60 4.38 7.14
CA ARG A 185 13.83 5.17 7.16
C ARG A 185 15.01 4.36 6.65
N SER A 186 15.13 3.11 7.10
CA SER A 186 16.23 2.28 6.61
C SER A 186 16.11 2.03 5.12
N LEU A 187 14.89 1.71 4.66
CA LEU A 187 14.73 1.35 3.26
C LEU A 187 14.97 2.56 2.36
N ALA A 188 14.37 3.70 2.67
CA ALA A 188 14.59 4.90 1.84
C ALA A 188 16.06 5.27 1.82
N ALA A 189 16.73 5.23 2.99
CA ALA A 189 18.16 5.52 3.07
C ALA A 189 18.96 4.63 2.12
N HIS A 190 18.84 3.31 2.28
CA HIS A 190 19.69 2.43 1.49
C HIS A 190 19.34 2.49 0.00
N TRP A 191 18.06 2.63 -0.35
CA TRP A 191 17.74 2.77 -1.77
C TRP A 191 18.26 4.09 -2.33
N ALA A 192 18.31 5.15 -1.51
CA ALA A 192 18.79 6.44 -2.02
C ALA A 192 20.26 6.41 -2.35
N VAL A 193 21.05 5.52 -1.72
CA VAL A 193 22.47 5.40 -2.04
C VAL A 193 22.75 4.18 -2.91
N ASP A 194 21.73 3.44 -3.33
CA ASP A 194 21.93 2.34 -4.27
C ASP A 194 22.03 2.96 -5.65
N LYS A 195 23.26 3.35 -6.02
CA LYS A 195 23.51 4.10 -7.25
C LYS A 195 23.53 3.18 -8.46
N TYR A 196 22.67 3.49 -9.46
CA TYR A 196 22.56 2.74 -10.70
C TYR A 196 23.73 3.04 -11.64
N PRO A 197 23.96 2.18 -12.64
CA PRO A 197 24.94 2.52 -13.67
C PRO A 197 24.64 3.89 -14.26
N SER A 198 25.70 4.57 -14.72
CA SER A 198 25.51 5.87 -15.35
C SER A 198 24.73 5.78 -16.66
N THR A 199 24.70 4.60 -17.29
CA THR A 199 23.91 4.34 -18.50
C THR A 199 22.43 4.15 -18.22
N ALA A 200 22.01 4.13 -16.96
CA ALA A 200 20.64 3.79 -16.63
C ALA A 200 19.74 5.01 -16.74
N LYS A 201 18.47 4.73 -17.05
CA LYS A 201 17.47 5.79 -17.13
C LYS A 201 17.26 6.46 -15.79
N TYR A 202 17.41 5.73 -14.69
CA TYR A 202 17.23 6.25 -13.35
C TYR A 202 18.55 6.28 -12.59
N GLU A 203 18.66 7.20 -11.65
CA GLU A 203 19.93 7.46 -10.99
C GLU A 203 20.14 6.66 -9.70
N THR A 204 19.08 6.38 -8.94
CA THR A 204 19.16 5.50 -7.79
C THR A 204 17.96 4.56 -7.79
N ARG A 205 18.05 3.52 -6.96
CA ARG A 205 16.88 2.69 -6.77
C ARG A 205 15.73 3.49 -6.19
N LEU A 206 16.03 4.42 -5.27
CA LEU A 206 14.98 5.26 -4.72
C LEU A 206 14.34 6.10 -5.81
N SER A 207 15.17 6.74 -6.62
CA SER A 207 14.64 7.61 -7.65
C SER A 207 13.85 6.86 -8.70
N SER A 208 13.92 5.54 -8.74
CA SER A 208 13.14 4.81 -9.72
C SER A 208 11.68 4.61 -9.30
N ILE A 209 11.32 5.03 -8.09
CA ILE A 209 9.92 4.98 -7.67
C ILE A 209 9.17 6.11 -8.36
N SER A 210 8.21 5.76 -9.21
CA SER A 210 7.42 6.73 -9.96
C SER A 210 6.31 7.31 -9.11
N LEU A 211 5.67 6.48 -8.31
CA LEU A 211 4.60 6.91 -7.42
C LEU A 211 4.57 5.92 -6.27
N LEU A 212 4.57 6.43 -5.05
CA LEU A 212 4.44 5.57 -3.88
C LEU A 212 3.08 5.86 -3.28
N VAL A 213 2.28 4.81 -3.12
CA VAL A 213 0.94 4.87 -2.55
C VAL A 213 1.01 4.14 -1.22
N LEU A 214 0.87 4.87 -0.11
CA LEU A 214 0.91 4.25 1.21
C LEU A 214 -0.51 4.13 1.75
N LEU A 215 -0.92 2.90 2.08
CA LEU A 215 -2.22 2.64 2.66
C LEU A 215 -2.07 2.47 4.17
N ASP A 216 -2.87 3.20 4.95
CA ASP A 216 -2.79 3.06 6.39
C ASP A 216 -4.16 3.29 7.00
N LEU A 217 -4.41 2.62 8.12
CA LEU A 217 -5.65 2.76 8.89
C LEU A 217 -6.90 2.56 8.04
N LEU A 218 -6.93 1.48 7.25
CA LEU A 218 -8.09 1.19 6.40
C LEU A 218 -8.79 -0.10 6.83
N GLY A 219 -10.11 -0.11 6.65
CA GLY A 219 -10.91 -1.27 7.02
C GLY A 219 -12.10 -0.91 7.90
N ALA A 220 -12.12 0.30 8.43
CA ALA A 220 -13.26 0.81 9.19
C ALA A 220 -14.25 1.50 8.26
N LYS A 221 -15.46 1.71 8.78
CA LYS A 221 -16.57 2.19 7.97
C LYS A 221 -16.41 3.67 7.65
N ASN A 222 -16.85 4.03 6.46
CA ASN A 222 -16.95 5.42 6.04
C ASN A 222 -15.62 6.17 6.23
N PRO A 223 -14.55 5.73 5.57
CA PRO A 223 -13.28 6.44 5.70
C PRO A 223 -13.34 7.82 5.06
N GLN A 224 -12.50 8.73 5.57
CA GLN A 224 -12.30 10.05 5.00
C GLN A 224 -10.83 10.21 4.62
N ILE A 225 -10.57 10.41 3.33
CA ILE A 225 -9.22 10.42 2.78
C ILE A 225 -8.94 11.80 2.23
N ALA A 226 -7.99 12.51 2.86
CA ALA A 226 -7.65 13.83 2.35
C ALA A 226 -6.46 13.75 1.39
N SER A 227 -6.23 14.83 0.66
CA SER A 227 -5.11 14.92 -0.25
C SER A 227 -4.00 15.72 0.40
N TYR A 228 -2.87 15.07 0.70
CA TYR A 228 -1.84 15.68 1.51
C TYR A 228 -0.66 16.23 0.72
N TYR A 229 -0.48 15.83 -0.53
CA TYR A 229 0.69 16.26 -1.31
C TYR A 229 0.24 16.84 -2.63
N PRO A 230 0.41 18.15 -2.85
CA PRO A 230 0.05 18.73 -4.15
C PRO A 230 0.66 17.98 -5.33
N VAL A 231 1.92 17.56 -5.22
CA VAL A 231 2.57 16.96 -6.37
C VAL A 231 1.89 15.64 -6.79
N THR A 232 1.08 15.03 -5.93
CA THR A 232 0.32 13.85 -6.30
C THR A 232 -1.21 14.07 -6.22
N HIS A 233 -1.65 15.34 -6.20
CA HIS A 233 -3.10 15.58 -6.16
C HIS A 233 -3.78 15.01 -7.40
N PHE A 234 -3.14 15.14 -8.57
CA PHE A 234 -3.70 14.52 -9.78
C PHE A 234 -3.96 13.02 -9.56
N ASP A 235 -2.99 12.29 -8.99
CA ASP A 235 -3.22 10.86 -8.74
C ASP A 235 -4.35 10.65 -7.74
N TYR A 236 -4.39 11.49 -6.71
CA TYR A 236 -5.51 11.45 -5.79
C TYR A 236 -6.82 11.63 -6.54
N GLN A 237 -6.85 12.59 -7.49
CA GLN A 237 -8.09 12.83 -8.23
C GLN A 237 -8.39 11.64 -9.14
N ARG A 238 -7.36 11.02 -9.73
CA ARG A 238 -7.63 9.82 -10.55
C ARG A 238 -8.26 8.77 -9.65
N LEU A 239 -7.70 8.57 -8.45
CA LEU A 239 -8.25 7.58 -7.53
C LEU A 239 -9.70 7.93 -7.24
N ALA A 240 -9.97 9.21 -6.98
CA ALA A 240 -11.33 9.61 -6.64
C ALA A 240 -12.25 9.32 -7.81
N ALA A 241 -11.80 9.66 -9.02
CA ALA A 241 -12.61 9.42 -10.19
C ALA A 241 -12.98 7.95 -10.28
N LEU A 242 -12.01 7.06 -10.06
CA LEU A 242 -12.32 5.64 -10.16
C LEU A 242 -13.37 5.26 -9.13
N GLU A 243 -13.20 5.74 -7.89
CA GLU A 243 -14.19 5.43 -6.86
C GLU A 243 -15.58 5.79 -7.35
N SER A 244 -15.71 6.99 -7.90
CA SER A 244 -17.04 7.47 -8.25
C SER A 244 -17.61 6.63 -9.39
N ARG A 245 -16.76 6.25 -10.35
CA ARG A 245 -17.25 5.42 -11.45
C ARG A 245 -17.69 4.07 -10.94
N LEU A 246 -16.93 3.49 -10.01
CA LEU A 246 -17.34 2.19 -9.49
C LEU A 246 -18.61 2.33 -8.68
N ARG A 247 -18.80 3.49 -8.04
CA ARG A 247 -20.07 3.76 -7.32
C ARG A 247 -21.19 3.84 -8.36
N GLU A 248 -20.94 4.50 -9.50
CA GLU A 248 -22.00 4.65 -10.49
C GLU A 248 -22.38 3.31 -11.10
N LEU A 249 -21.41 2.41 -11.22
CA LEU A 249 -21.62 1.08 -11.75
C LEU A 249 -22.33 0.15 -10.78
N GLY A 250 -22.57 0.62 -9.56
CA GLY A 250 -23.11 -0.25 -8.53
C GLY A 250 -22.16 -1.30 -8.05
N GLN A 251 -20.84 -1.09 -8.18
CA GLN A 251 -19.86 -2.11 -7.87
C GLN A 251 -19.32 -2.04 -6.44
N LEU A 252 -19.64 -0.98 -5.69
CA LEU A 252 -19.21 -0.83 -4.31
C LEU A 252 -20.21 -1.50 -3.37
N LYS A 253 -19.71 -2.29 -2.43
CA LYS A 253 -20.57 -3.00 -1.50
C LYS A 253 -20.88 -2.23 -0.22
N SER A 254 -20.13 -1.17 0.07
CA SER A 254 -20.23 -0.45 1.37
C SER A 254 -20.97 0.86 1.19
N SER A 255 -21.17 1.23 -0.06
CA SER A 255 -21.81 2.53 -0.35
C SER A 255 -22.84 2.32 -1.47
N GLY A 256 -23.93 3.08 -1.41
CA GLY A 256 -24.93 3.02 -2.48
C GLY A 256 -24.65 4.06 -3.54
N ILE A 257 -25.41 4.03 -4.64
CA ILE A 257 -25.23 4.95 -5.75
C ILE A 257 -25.30 6.41 -5.31
N HIS A 258 -25.85 6.69 -4.12
CA HIS A 258 -25.90 8.04 -3.59
C HIS A 258 -25.01 8.25 -2.37
N GLY A 259 -24.13 7.29 -2.06
CA GLY A 259 -23.23 7.44 -0.94
C GLY A 259 -22.24 8.58 -1.14
N LYS A 260 -21.77 9.11 -0.01
CA LYS A 260 -20.77 10.17 0.00
C LYS A 260 -19.41 9.61 -0.39
N SER A 261 -18.69 10.35 -1.22
CA SER A 261 -17.36 9.93 -1.65
C SER A 261 -16.37 9.98 -0.50
N TRP A 262 -15.50 8.97 -0.43
CA TRP A 262 -14.47 8.95 0.59
C TRP A 262 -13.46 10.08 0.43
N PHE A 263 -13.33 10.62 -0.76
CA PHE A 263 -12.18 11.46 -1.09
C PHE A 263 -12.60 12.92 -0.98
N VAL A 264 -12.45 13.46 0.24
CA VAL A 264 -12.99 14.77 0.60
C VAL A 264 -12.29 15.93 -0.06
N ASP A 265 -11.20 15.69 -0.78
CA ASP A 265 -10.53 16.77 -1.48
C ASP A 265 -10.66 16.64 -2.99
N ARG A 266 -11.60 15.81 -3.47
CA ARG A 266 -11.64 15.50 -4.89
C ARG A 266 -11.85 16.75 -5.76
N THR A 267 -12.51 17.78 -5.23
CA THR A 267 -12.71 19.00 -6.02
C THR A 267 -11.74 20.12 -5.68
N THR A 268 -11.01 20.03 -4.56
CA THR A 268 -10.04 21.08 -4.22
C THR A 268 -9.05 21.31 -5.37
N ASP A 269 -8.74 22.58 -5.64
CA ASP A 269 -7.70 22.92 -6.61
C ASP A 269 -6.34 22.62 -6.01
N VAL A 270 -5.42 22.15 -6.87
CA VAL A 270 -4.07 21.84 -6.41
C VAL A 270 -3.50 23.02 -5.63
N ARG A 271 -3.92 24.24 -5.98
CA ARG A 271 -3.30 25.41 -5.31
C ARG A 271 -4.05 25.77 -4.02
N SER A 272 -5.16 25.14 -3.70
CA SER A 272 -5.85 25.40 -2.44
C SER A 272 -5.56 24.36 -1.36
N LEU A 273 -4.68 23.39 -1.61
CA LEU A 273 -4.43 22.33 -0.64
C LEU A 273 -3.54 22.86 0.49
N LYS A 274 -3.96 22.62 1.73
CA LYS A 274 -3.29 23.24 2.86
C LYS A 274 -3.30 22.33 4.10
N ARG A 275 -3.57 21.05 3.93
CA ARG A 275 -3.59 20.14 5.06
C ARG A 275 -2.19 19.67 5.42
N GLN A 276 -1.93 19.59 6.71
CA GLN A 276 -0.60 19.14 7.17
C GLN A 276 -0.52 17.62 7.00
N PRO A 277 0.59 17.09 6.45
CA PRO A 277 0.74 15.65 6.31
C PRO A 277 0.77 14.90 7.66
N VAL A 278 0.30 13.67 7.68
CA VAL A 278 0.36 12.82 8.89
C VAL A 278 1.70 12.07 8.88
N GLU A 279 2.44 12.11 9.98
CA GLU A 279 3.77 11.45 10.06
C GLU A 279 3.56 9.95 9.93
N ASP A 280 4.20 9.35 8.94
CA ASP A 280 3.98 7.91 8.66
C ASP A 280 5.09 7.43 7.73
N ASP A 281 4.95 6.25 7.15
CA ASP A 281 6.03 5.63 6.34
C ASP A 281 6.41 6.46 5.09
N GLN A 282 5.54 7.35 4.62
CA GLN A 282 5.81 8.14 3.39
C GLN A 282 6.80 9.28 3.67
N VAL A 283 6.91 9.74 4.91
CA VAL A 283 7.76 10.92 5.25
C VAL A 283 9.22 10.69 4.86
N PRO A 284 9.88 9.57 5.22
CA PRO A 284 11.26 9.36 4.80
C PRO A 284 11.40 9.44 3.28
N PHE A 285 10.52 8.78 2.54
CA PHE A 285 10.59 8.75 1.06
C PHE A 285 10.35 10.15 0.50
N SER A 286 9.34 10.83 1.02
CA SER A 286 9.03 12.17 0.52
C SER A 286 10.18 13.13 0.76
N GLY A 287 10.72 13.14 1.97
CA GLY A 287 11.80 14.05 2.28
C GLY A 287 13.02 13.82 1.43
N LEU A 288 13.17 12.62 0.90
CA LEU A 288 14.23 12.30 -0.05
C LEU A 288 13.84 12.48 -1.53
N GLY A 289 12.67 13.04 -1.83
CA GLY A 289 12.34 13.39 -3.21
C GLY A 289 11.42 12.44 -3.97
N VAL A 290 10.76 11.48 -3.31
CA VAL A 290 9.80 10.54 -3.92
C VAL A 290 8.42 11.17 -3.94
N LYS A 291 7.73 11.07 -5.07
CA LYS A 291 6.31 11.42 -5.11
C LYS A 291 5.48 10.42 -4.31
N VAL A 292 4.63 10.94 -3.43
CA VAL A 292 3.99 10.16 -2.38
C VAL A 292 2.50 10.50 -2.31
N LEU A 293 1.68 9.45 -2.17
CA LEU A 293 0.23 9.56 -2.07
C LEU A 293 -0.22 8.80 -0.83
N HIS A 294 -0.77 9.51 0.14
CA HIS A 294 -0.98 8.94 1.46
C HIS A 294 -2.47 8.69 1.67
N VAL A 295 -2.87 7.43 1.53
CA VAL A 295 -4.26 7.00 1.67
C VAL A 295 -4.43 6.56 3.12
N ILE A 296 -4.81 7.52 3.97
CA ILE A 296 -5.02 7.23 5.42
C ILE A 296 -6.39 7.80 5.83
N ASP A 297 -7.12 7.04 6.64
CA ASP A 297 -8.42 7.51 7.15
C ASP A 297 -8.23 8.42 8.35
N ALA A 298 -8.47 9.70 8.17
CA ALA A 298 -8.38 10.66 9.29
C ALA A 298 -9.41 11.77 9.06
N ASP A 299 -10.01 12.25 10.14
CA ASP A 299 -11.00 13.34 10.03
C ASP A 299 -10.34 14.53 9.33
N PRO A 300 -11.00 15.12 8.32
CA PRO A 300 -10.42 16.23 7.59
C PRO A 300 -10.28 17.49 8.44
N THR A 301 -11.19 17.70 9.40
CA THR A 301 -11.19 18.96 10.20
C THR A 301 -10.34 18.84 11.47
N THR A 302 -10.44 17.74 12.22
CA THR A 302 -9.70 17.59 13.51
C THR A 302 -8.37 16.86 13.35
N GLY A 303 -8.25 15.93 12.39
CA GLY A 303 -7.01 15.14 12.23
C GLY A 303 -7.12 13.83 12.96
N GLU A 304 -8.22 13.63 13.69
CA GLU A 304 -8.39 12.42 14.52
C GLU A 304 -8.46 11.18 13.63
N PHE A 305 -7.93 10.07 14.13
CA PHE A 305 -7.96 8.80 13.39
C PHE A 305 -9.22 8.04 13.79
N PRO A 306 -9.53 6.91 13.13
CA PRO A 306 -10.67 6.09 13.53
C PRO A 306 -10.71 5.84 15.04
N SER A 307 -11.90 5.68 15.60
CA SER A 307 -12.11 5.50 17.05
C SER A 307 -11.31 4.32 17.62
N VAL A 308 -11.22 3.23 16.88
CA VAL A 308 -10.55 2.00 17.40
C VAL A 308 -9.03 2.17 17.40
N TRP A 309 -8.52 3.26 16.83
CA TRP A 309 -7.05 3.43 16.69
C TRP A 309 -6.30 3.20 18.01
N HIS A 310 -5.31 2.32 17.98
CA HIS A 310 -4.46 2.07 19.18
C HIS A 310 -5.35 1.70 20.38
N THR A 311 -6.39 0.91 20.12
CA THR A 311 -7.28 0.39 21.19
C THR A 311 -7.43 -1.10 20.95
N PRO A 312 -7.67 -1.92 21.99
CA PRO A 312 -7.90 -3.34 21.80
C PRO A 312 -9.09 -3.58 20.87
N ASP A 313 -9.86 -2.53 20.57
CA ASP A 313 -11.02 -2.66 19.64
C ASP A 313 -10.58 -2.67 18.17
N ASP A 314 -9.33 -2.34 17.86
CA ASP A 314 -8.87 -2.50 16.48
C ASP A 314 -8.61 -3.98 16.23
N ASP A 315 -9.71 -4.75 16.14
CA ASP A 315 -9.67 -6.20 15.97
C ASP A 315 -10.54 -6.61 14.80
N GLU A 316 -10.46 -7.91 14.46
CA GLU A 316 -11.21 -8.45 13.33
C GLU A 316 -12.69 -8.13 13.44
N ASN A 317 -13.25 -8.15 14.66
CA ASN A 317 -14.69 -8.00 14.82
C ASN A 317 -15.16 -6.56 14.57
N HIS A 318 -14.26 -5.58 14.53
CA HIS A 318 -14.65 -4.23 14.15
C HIS A 318 -14.33 -3.89 12.69
N LEU A 319 -13.68 -4.79 11.97
CA LEU A 319 -13.50 -4.59 10.55
C LEU A 319 -14.84 -4.58 9.84
N ASP A 320 -14.98 -3.70 8.85
CA ASP A 320 -16.12 -3.74 7.95
C ASP A 320 -15.65 -4.32 6.62
N PHE A 321 -15.97 -5.60 6.39
CA PHE A 321 -15.38 -6.30 5.25
C PHE A 321 -15.96 -5.86 3.92
N ASP A 322 -17.16 -5.28 3.89
CA ASP A 322 -17.62 -4.66 2.66
C ASP A 322 -16.73 -3.48 2.28
N THR A 323 -16.30 -2.71 3.29
CA THR A 323 -15.39 -1.60 3.02
C THR A 323 -14.03 -2.11 2.57
N ILE A 324 -13.54 -3.19 3.17
CA ILE A 324 -12.28 -3.77 2.75
C ILE A 324 -12.37 -4.28 1.32
N ARG A 325 -13.46 -4.97 0.98
CA ARG A 325 -13.63 -5.42 -0.39
C ARG A 325 -13.68 -4.22 -1.34
N ASP A 326 -14.36 -3.15 -0.95
CA ASP A 326 -14.38 -1.96 -1.80
C ASP A 326 -12.98 -1.39 -2.00
N TRP A 327 -12.19 -1.33 -0.92
CA TRP A 327 -10.81 -0.81 -1.01
C TRP A 327 -9.98 -1.66 -1.96
N SER A 328 -10.07 -2.97 -1.82
CA SER A 328 -9.38 -3.88 -2.73
C SER A 328 -9.79 -3.62 -4.18
N LEU A 329 -11.08 -3.48 -4.44
CA LEU A 329 -11.53 -3.23 -5.81
C LEU A 329 -10.98 -1.91 -6.33
N LEU A 330 -11.01 -0.86 -5.50
CA LEU A 330 -10.55 0.46 -5.90
C LEU A 330 -9.04 0.46 -6.16
N ILE A 331 -8.25 -0.17 -5.28
CA ILE A 331 -6.77 -0.22 -5.47
C ILE A 331 -6.46 -1.03 -6.74
N THR A 332 -7.17 -2.15 -6.97
CA THR A 332 -7.02 -2.90 -8.22
C THR A 332 -7.25 -1.98 -9.42
N ALA A 333 -8.36 -1.25 -9.39
CA ALA A 333 -8.68 -0.35 -10.49
C ALA A 333 -7.62 0.72 -10.66
N PHE A 334 -7.12 1.28 -9.55
CA PHE A 334 -6.10 2.31 -9.62
C PHE A 334 -4.84 1.77 -10.26
N ALA A 335 -4.35 0.62 -9.77
CA ALA A 335 -3.13 0.06 -10.33
C ALA A 335 -3.33 -0.29 -11.80
N ALA A 336 -4.51 -0.80 -12.16
CA ALA A 336 -4.73 -1.18 -13.55
C ALA A 336 -4.75 0.03 -14.46
N GLU A 337 -5.47 1.09 -14.06
CA GLU A 337 -5.43 2.33 -14.82
C GLU A 337 -4.00 2.83 -14.96
N TRP A 338 -3.23 2.80 -13.87
CA TRP A 338 -1.91 3.42 -13.86
C TRP A 338 -0.95 2.69 -14.79
N LEU A 339 -0.96 1.35 -14.74
CA LEU A 339 -0.11 0.52 -15.59
C LEU A 339 -0.67 0.36 -17.01
N GLY A 340 -1.79 1.00 -17.33
CA GLY A 340 -2.30 1.01 -18.68
C GLY A 340 -2.83 -0.32 -19.15
N LEU A 341 -3.62 -1.00 -18.31
CA LEU A 341 -4.15 -2.32 -18.61
C LEU A 341 -5.51 -2.29 -19.31
N GLN A 342 -5.93 -1.16 -19.88
CA GLN A 342 -7.24 -1.11 -20.54
C GLN A 342 -7.29 -2.13 -21.68
N GLY A 343 -8.42 -2.84 -21.76
CA GLY A 343 -8.58 -3.88 -22.77
C GLY A 343 -7.90 -5.18 -22.46
N PHE A 344 -7.28 -5.32 -21.30
CA PHE A 344 -6.62 -6.56 -20.93
C PHE A 344 -7.19 -7.18 -19.67
N MET A 345 -8.20 -6.57 -19.06
CA MET A 345 -8.75 -7.07 -17.80
C MET A 345 -9.70 -8.24 -18.00
N ASP A 346 -10.38 -8.28 -19.15
CA ASP A 346 -11.32 -9.33 -19.49
C ASP A 346 -10.64 -10.35 -20.39
N ASN A 347 -10.47 -11.59 -19.94
CA ASN A 347 -9.90 -12.61 -20.87
C ASN A 347 -10.94 -13.67 -21.23
N HIS A 348 -12.22 -13.31 -21.17
CA HIS A 348 -13.30 -14.25 -21.55
C HIS A 348 -13.23 -14.56 -23.04
N HIS A 349 -13.40 -15.83 -23.40
CA HIS A 349 -13.35 -16.26 -24.82
C HIS A 349 -14.63 -17.01 -25.18
N HIS A 350 -15.38 -16.51 -26.16
CA HIS A 350 -16.67 -17.14 -26.54
C HIS A 350 -16.45 -18.37 -27.42
N HIS A 351 -17.27 -19.41 -27.23
CA HIS A 351 -17.20 -20.62 -28.08
C HIS A 351 -15.78 -21.16 -28.10
N HIS A 352 -15.17 -21.25 -26.91
CA HIS A 352 -13.78 -21.74 -26.81
C HIS A 352 -13.58 -22.41 -25.45
N HIS A 353 -12.99 -23.59 -25.48
CA HIS A 353 -12.68 -24.30 -24.22
C HIS A 353 -11.16 -24.29 -24.00
ZN ZN B . -0.68 2.29 14.65
#